data_6A11
#
_entry.id   6A11
#
_cell.length_a   138.485
_cell.length_b   138.485
_cell.length_c   111.539
_cell.angle_alpha   90.00
_cell.angle_beta   90.00
_cell.angle_gamma   90.00
#
_symmetry.space_group_name_H-M   'I 4 2 2'
#
loop_
_entity.id
_entity.type
_entity.pdbx_description
1 polymer '4-hydroxymandelate oxidase'
2 non-polymer 'FLAVIN MONONUCLEOTIDE'
3 non-polymer '3-PHENYLPYRUVIC ACID'
4 water water
#
_entity_poly.entity_id   1
_entity_poly.type   'polypeptide(L)'
_entity_poly.pdbx_seq_one_letter_code
;MGSSHHHHHHSSGLVPRGSHMTYVSLADLERAARDVLPGEIFDFLAGGSGTEASLVANRTALERVFVIPRMLRDLTDVTT
EIDIFGRRAALPMAVAPVAYQRLFHPEGELAVARAARDAGVPYTICTLSSVSLEEIAAVGGRPWFQLFWLRDEKRSLDLV
RRAEDAGCEAIVFTVDVPWMGRRLRDMRNGFALPEWVTAANFDAGTAAHRRTQGVSAVADHTAREFAPATWESVEAVRAH
TDLPVVLKGILAVEDARRAVDAGAGGIVVSNHGGRQLDGAVPGIEMLGEIVAAVSGGCEVLVDGGIRSGGDVLKATALGA
SAVLVGRPVMWALAAAGQDGVRQLLELLAEEVRDAMGLAGCESVGAARRLNTKLGVV
;
_entity_poly.pdbx_strand_id   A
#
# COMPACT_ATOMS: atom_id res chain seq x y z
N THR A 22 6.76 -24.65 1.06
CA THR A 22 5.36 -24.29 1.29
C THR A 22 5.23 -23.23 2.39
N TYR A 23 4.42 -22.21 2.12
CA TYR A 23 4.12 -21.16 3.09
C TYR A 23 2.62 -21.16 3.30
N VAL A 24 2.19 -21.22 4.57
CA VAL A 24 0.76 -21.27 4.89
C VAL A 24 0.27 -20.01 5.56
N SER A 25 1.15 -19.06 5.88
CA SER A 25 0.78 -17.75 6.38
C SER A 25 1.84 -16.75 5.96
N LEU A 26 1.51 -15.45 6.06
CA LEU A 26 2.50 -14.42 5.74
C LEU A 26 3.62 -14.42 6.75
N ALA A 27 3.37 -14.93 7.97
CA ALA A 27 4.41 -15.01 8.98
C ALA A 27 5.50 -16.01 8.62
N ASP A 28 5.17 -17.08 7.88
CA ASP A 28 6.22 -17.97 7.40
C ASP A 28 7.25 -17.20 6.59
N LEU A 29 6.82 -16.20 5.82
CA LEU A 29 7.76 -15.50 4.95
C LEU A 29 8.65 -14.56 5.74
N GLU A 30 8.14 -13.93 6.81
N GLU A 30 8.13 -13.95 6.80
CA GLU A 30 9.01 -13.05 7.59
CA GLU A 30 8.94 -13.07 7.62
C GLU A 30 10.19 -13.81 8.16
C GLU A 30 10.14 -13.81 8.18
N ARG A 31 9.94 -15.04 8.65
CA ARG A 31 11.04 -15.83 9.21
C ARG A 31 12.06 -16.16 8.12
N ALA A 32 11.57 -16.57 6.94
CA ALA A 32 12.48 -16.83 5.83
C ALA A 32 13.30 -15.58 5.47
N ALA A 33 12.68 -14.39 5.47
CA ALA A 33 13.45 -13.22 5.10
C ALA A 33 14.49 -12.83 6.16
N ARG A 34 14.17 -13.06 7.44
N ARG A 34 14.20 -13.05 7.44
CA ARG A 34 15.10 -12.73 8.52
CA ARG A 34 15.19 -12.66 8.45
C ARG A 34 16.38 -13.56 8.40
C ARG A 34 16.43 -13.55 8.37
N ASP A 35 16.26 -14.84 8.05
CA ASP A 35 17.41 -15.71 7.87
C ASP A 35 18.32 -15.22 6.75
N VAL A 36 17.75 -14.79 5.62
CA VAL A 36 18.59 -14.48 4.46
C VAL A 36 19.15 -13.07 4.50
N LEU A 37 18.38 -12.07 4.99
CA LEU A 37 18.93 -10.75 4.78
C LEU A 37 19.97 -10.37 5.83
N PRO A 38 20.92 -9.54 5.46
CA PRO A 38 21.79 -8.92 6.44
C PRO A 38 20.95 -8.17 7.47
N GLY A 39 21.44 -8.19 8.71
CA GLY A 39 20.71 -7.55 9.80
C GLY A 39 20.31 -6.11 9.52
N GLU A 40 21.23 -5.30 8.98
CA GLU A 40 20.94 -3.88 8.84
C GLU A 40 19.91 -3.62 7.75
N ILE A 41 19.86 -4.49 6.73
CA ILE A 41 18.82 -4.38 5.70
C ILE A 41 17.48 -4.87 6.24
N PHE A 42 17.46 -5.98 7.00
CA PHE A 42 16.22 -6.38 7.66
C PHE A 42 15.70 -5.24 8.54
N ASP A 43 16.61 -4.54 9.25
CA ASP A 43 16.16 -3.46 10.14
C ASP A 43 15.62 -2.28 9.35
N PHE A 44 16.24 -1.94 8.20
CA PHE A 44 15.72 -0.88 7.35
C PHE A 44 14.29 -1.21 6.93
N LEU A 45 14.05 -2.47 6.58
CA LEU A 45 12.72 -2.93 6.15
C LEU A 45 11.72 -2.93 7.31
N ALA A 46 12.10 -3.51 8.45
CA ALA A 46 11.14 -3.78 9.54
C ALA A 46 10.85 -2.54 10.36
N GLY A 47 11.81 -1.64 10.48
CA GLY A 47 11.73 -0.59 11.49
C GLY A 47 10.72 0.51 11.25
N GLY A 48 10.49 1.25 12.35
CA GLY A 48 9.70 2.48 12.27
C GLY A 48 10.47 3.64 12.86
N SER A 49 9.79 4.78 13.02
CA SER A 49 10.42 5.95 13.61
C SER A 49 10.25 5.95 15.13
N GLY A 50 11.16 6.67 15.78
CA GLY A 50 11.03 6.89 17.22
C GLY A 50 11.03 5.60 18.03
N THR A 51 10.05 5.48 18.95
CA THR A 51 9.90 4.31 19.77
C THR A 51 9.13 3.20 19.09
N GLU A 52 8.75 3.38 17.81
CA GLU A 52 8.00 2.41 17.03
C GLU A 52 6.59 2.20 17.57
N ALA A 53 6.06 3.21 18.28
CA ALA A 53 4.68 3.13 18.78
C ALA A 53 3.67 2.98 17.67
N SER A 54 3.86 3.71 16.55
CA SER A 54 2.85 3.63 15.48
C SER A 54 2.98 2.36 14.68
N LEU A 55 4.22 1.85 14.57
CA LEU A 55 4.44 0.56 13.92
C LEU A 55 3.69 -0.55 14.66
N VAL A 56 3.81 -0.60 15.98
CA VAL A 56 3.12 -1.63 16.75
C VAL A 56 1.62 -1.40 16.73
N ALA A 57 1.19 -0.12 16.82
CA ALA A 57 -0.23 0.16 16.83
C ALA A 57 -0.94 -0.26 15.56
N ASN A 58 -0.24 -0.24 14.40
CA ASN A 58 -0.92 -0.74 13.20
C ASN A 58 -1.38 -2.18 13.38
N ARG A 59 -0.54 -3.01 14.02
CA ARG A 59 -0.98 -4.39 14.26
C ARG A 59 -1.99 -4.50 15.38
N THR A 60 -1.81 -3.78 16.50
N THR A 60 -1.80 -3.74 16.46
CA THR A 60 -2.80 -3.93 17.58
CA THR A 60 -2.75 -3.83 17.56
C THR A 60 -4.18 -3.40 17.16
C THR A 60 -4.14 -3.45 17.10
N ALA A 61 -4.24 -2.40 16.27
CA ALA A 61 -5.53 -1.95 15.83
C ALA A 61 -6.25 -3.00 15.00
N LEU A 62 -5.54 -3.69 14.09
CA LEU A 62 -6.22 -4.72 13.31
C LEU A 62 -6.64 -5.88 14.19
N GLU A 63 -5.81 -6.23 15.18
CA GLU A 63 -6.14 -7.35 16.06
C GLU A 63 -7.35 -7.08 16.95
N ARG A 64 -7.71 -5.83 17.17
CA ARG A 64 -8.87 -5.50 17.97
C ARG A 64 -10.17 -5.58 17.17
N VAL A 65 -10.13 -5.63 15.84
CA VAL A 65 -11.33 -5.61 15.01
C VAL A 65 -11.81 -7.07 14.87
N PHE A 66 -13.09 -7.29 15.13
CA PHE A 66 -13.72 -8.57 14.82
C PHE A 66 -14.83 -8.35 13.81
N VAL A 67 -14.97 -9.30 12.87
CA VAL A 67 -16.02 -9.24 11.86
C VAL A 67 -17.27 -9.95 12.34
N ILE A 68 -18.45 -9.45 11.96
CA ILE A 68 -19.72 -10.15 12.21
C ILE A 68 -20.11 -10.78 10.88
N PRO A 69 -19.81 -12.07 10.66
CA PRO A 69 -20.08 -12.69 9.34
C PRO A 69 -21.57 -12.94 9.13
N ARG A 70 -21.97 -13.00 7.88
CA ARG A 70 -23.30 -13.39 7.48
C ARG A 70 -23.32 -14.80 6.94
N MET A 71 -24.45 -15.45 7.12
CA MET A 71 -24.55 -16.87 6.74
C MET A 71 -25.61 -17.06 5.69
N LEU A 72 -25.50 -18.21 5.00
CA LEU A 72 -26.60 -18.73 4.17
C LEU A 72 -26.85 -17.92 2.89
N ARG A 73 -25.83 -17.17 2.45
CA ARG A 73 -25.92 -16.39 1.22
CA ARG A 73 -25.95 -16.42 1.21
C ARG A 73 -25.39 -17.21 0.04
N ASP A 74 -25.81 -16.84 -1.16
CA ASP A 74 -25.38 -17.52 -2.37
C ASP A 74 -23.90 -17.24 -2.62
N LEU A 75 -23.11 -18.27 -2.65
CA LEU A 75 -21.68 -18.19 -2.90
C LEU A 75 -21.31 -18.93 -4.18
N THR A 76 -22.25 -19.03 -5.12
CA THR A 76 -21.96 -19.82 -6.31
C THR A 76 -20.84 -19.22 -7.13
N ASP A 77 -20.74 -17.88 -7.17
CA ASP A 77 -19.74 -17.18 -7.99
C ASP A 77 -18.98 -16.14 -7.15
N VAL A 78 -18.31 -16.60 -6.09
CA VAL A 78 -17.56 -15.66 -5.25
C VAL A 78 -16.44 -15.09 -6.11
N THR A 79 -16.28 -13.77 -6.08
CA THR A 79 -15.20 -13.15 -6.80
C THR A 79 -14.54 -12.13 -5.88
N THR A 80 -13.21 -12.11 -5.95
CA THR A 80 -12.41 -11.13 -5.21
C THR A 80 -12.04 -9.92 -6.04
N GLU A 81 -12.54 -9.82 -7.28
CA GLU A 81 -12.15 -8.73 -8.17
C GLU A 81 -12.78 -7.41 -7.80
N ILE A 82 -12.10 -6.32 -8.14
CA ILE A 82 -12.65 -4.98 -8.02
C ILE A 82 -12.30 -4.21 -9.28
N ASP A 83 -13.02 -3.13 -9.51
CA ASP A 83 -12.63 -2.13 -10.50
C ASP A 83 -12.12 -0.91 -9.76
N ILE A 84 -10.92 -0.45 -10.13
CA ILE A 84 -10.38 0.74 -9.49
C ILE A 84 -9.55 1.51 -10.52
N PHE A 85 -9.71 2.83 -10.51
CA PHE A 85 -8.94 3.74 -11.41
C PHE A 85 -9.00 3.23 -12.85
N GLY A 86 -10.18 2.78 -13.26
CA GLY A 86 -10.44 2.40 -14.63
C GLY A 86 -10.24 0.94 -14.99
N ARG A 87 -9.65 0.13 -14.12
CA ARG A 87 -9.23 -1.21 -14.51
C ARG A 87 -9.64 -2.24 -13.47
N ARG A 88 -9.83 -3.45 -13.94
CA ARG A 88 -10.10 -4.58 -13.07
C ARG A 88 -8.81 -4.97 -12.38
N ALA A 89 -8.89 -5.29 -11.09
CA ALA A 89 -7.82 -5.91 -10.36
C ALA A 89 -8.32 -7.22 -9.76
N ALA A 90 -7.44 -8.23 -9.62
CA ALA A 90 -7.88 -9.57 -9.23
C ALA A 90 -8.23 -9.68 -7.76
N LEU A 91 -7.73 -8.74 -6.93
CA LEU A 91 -7.94 -8.70 -5.49
C LEU A 91 -8.09 -7.24 -5.11
N PRO A 92 -8.66 -6.94 -3.93
CA PRO A 92 -8.74 -5.54 -3.48
C PRO A 92 -7.42 -5.16 -2.80
N MET A 93 -6.34 -5.20 -3.59
CA MET A 93 -4.99 -5.12 -3.03
CA MET A 93 -5.01 -5.00 -3.00
C MET A 93 -4.06 -4.57 -4.10
N ALA A 94 -3.09 -3.75 -3.72
CA ALA A 94 -1.98 -3.35 -4.58
C ALA A 94 -0.68 -3.49 -3.76
N VAL A 95 0.46 -3.63 -4.46
CA VAL A 95 1.77 -3.59 -3.81
C VAL A 95 2.08 -2.14 -3.46
N ALA A 96 2.37 -1.90 -2.17
CA ALA A 96 2.68 -0.53 -1.71
C ALA A 96 4.00 -0.09 -2.31
N PRO A 97 4.21 1.21 -2.45
CA PRO A 97 5.54 1.72 -2.83
C PRO A 97 6.54 1.44 -1.73
N VAL A 98 7.64 0.76 -2.08
CA VAL A 98 8.76 0.53 -1.18
C VAL A 98 10.03 0.85 -1.95
N ALA A 99 10.79 1.84 -1.48
CA ALA A 99 11.99 2.29 -2.20
C ALA A 99 13.07 1.20 -2.23
N TYR A 100 13.88 1.24 -3.31
CA TYR A 100 15.20 0.52 -3.33
C TYR A 100 15.08 -1.01 -3.18
N GLN A 101 14.26 -1.63 -4.03
CA GLN A 101 13.98 -3.05 -3.86
C GLN A 101 15.17 -3.96 -4.17
N ARG A 102 16.17 -3.44 -4.86
CA ARG A 102 17.40 -4.23 -5.03
C ARG A 102 18.13 -4.44 -3.73
N LEU A 103 17.75 -3.75 -2.64
CA LEU A 103 18.34 -4.07 -1.37
C LEU A 103 18.00 -5.48 -0.94
N PHE A 104 16.87 -6.03 -1.43
CA PHE A 104 16.32 -7.29 -0.92
C PHE A 104 16.58 -8.48 -1.84
N HIS A 105 16.82 -8.22 -3.11
CA HIS A 105 17.05 -9.30 -4.08
C HIS A 105 17.64 -8.67 -5.31
N PRO A 106 18.56 -9.36 -6.00
CA PRO A 106 19.18 -8.74 -7.18
C PRO A 106 18.25 -8.31 -8.30
N GLU A 107 17.10 -8.97 -8.48
CA GLU A 107 16.19 -8.54 -9.52
C GLU A 107 15.26 -7.44 -9.04
N GLY A 108 15.25 -7.16 -7.71
CA GLY A 108 14.53 -5.98 -7.18
C GLY A 108 13.14 -5.82 -7.75
N GLU A 109 12.89 -4.59 -8.24
CA GLU A 109 11.52 -4.22 -8.64
C GLU A 109 11.03 -5.05 -9.80
N LEU A 110 11.94 -5.50 -10.69
CA LEU A 110 11.42 -6.28 -11.82
C LEU A 110 10.79 -7.59 -11.37
N ALA A 111 11.39 -8.27 -10.37
CA ALA A 111 10.83 -9.50 -9.83
C ALA A 111 9.44 -9.25 -9.23
N VAL A 112 9.32 -8.15 -8.48
CA VAL A 112 8.04 -7.91 -7.82
C VAL A 112 6.99 -7.54 -8.86
N ALA A 113 7.35 -6.66 -9.83
CA ALA A 113 6.39 -6.25 -10.82
C ALA A 113 5.91 -7.41 -11.68
N ARG A 114 6.86 -8.33 -12.03
CA ARG A 114 6.42 -9.48 -12.84
C ARG A 114 5.42 -10.35 -12.09
N ALA A 115 5.69 -10.61 -10.81
CA ALA A 115 4.75 -11.40 -9.99
C ALA A 115 3.40 -10.69 -9.82
N ALA A 116 3.43 -9.37 -9.57
CA ALA A 116 2.17 -8.63 -9.45
C ALA A 116 1.38 -8.66 -10.73
N ARG A 117 2.04 -8.45 -11.89
CA ARG A 117 1.37 -8.58 -13.17
C ARG A 117 0.72 -9.94 -13.33
N ASP A 118 1.47 -11.00 -12.98
CA ASP A 118 0.92 -12.35 -13.23
C ASP A 118 -0.26 -12.65 -12.30
N ALA A 119 -0.29 -12.00 -11.13
CA ALA A 119 -1.37 -12.19 -10.16
C ALA A 119 -2.53 -11.23 -10.40
N GLY A 120 -2.41 -10.30 -11.32
CA GLY A 120 -3.48 -9.36 -11.57
C GLY A 120 -3.59 -8.28 -10.49
N VAL A 121 -2.51 -7.94 -9.82
CA VAL A 121 -2.47 -6.97 -8.71
CA VAL A 121 -2.65 -6.88 -8.85
C VAL A 121 -1.73 -5.74 -9.21
N PRO A 122 -2.19 -4.51 -8.99
CA PRO A 122 -1.39 -3.35 -9.36
C PRO A 122 -0.12 -3.26 -8.53
N TYR A 123 0.94 -2.74 -9.17
CA TYR A 123 2.24 -2.55 -8.56
C TYR A 123 2.57 -1.07 -8.56
N THR A 124 2.97 -0.54 -7.43
CA THR A 124 3.31 0.88 -7.37
C THR A 124 4.80 1.08 -7.59
N ILE A 125 5.16 1.71 -8.70
CA ILE A 125 6.58 2.05 -8.98
C ILE A 125 6.97 3.27 -8.15
N CYS A 126 8.10 3.19 -7.49
CA CYS A 126 8.57 4.26 -6.59
C CYS A 126 9.39 5.34 -7.31
N THR A 127 9.26 6.60 -6.86
CA THR A 127 10.23 7.64 -7.27
C THR A 127 11.66 7.18 -6.99
N LEU A 128 11.91 6.53 -5.84
CA LEU A 128 13.23 6.02 -5.46
C LEU A 128 13.38 4.55 -5.81
N SER A 129 12.92 4.16 -6.98
CA SER A 129 13.14 2.76 -7.40
C SER A 129 14.61 2.55 -7.78
N SER A 130 15.07 1.32 -7.56
CA SER A 130 16.46 0.95 -7.92
C SER A 130 16.57 0.40 -9.34
N VAL A 131 15.48 0.35 -10.08
CA VAL A 131 15.42 0.10 -11.53
C VAL A 131 14.55 1.22 -12.09
N SER A 132 14.86 1.71 -13.30
CA SER A 132 14.14 2.85 -13.81
C SER A 132 12.65 2.57 -14.00
N LEU A 133 11.84 3.63 -13.86
CA LEU A 133 10.40 3.47 -13.98
C LEU A 133 9.99 2.96 -15.35
N GLU A 134 10.76 3.31 -16.41
CA GLU A 134 10.38 2.83 -17.74
C GLU A 134 10.64 1.33 -17.91
N GLU A 135 11.73 0.82 -17.31
CA GLU A 135 11.98 -0.62 -17.32
C GLU A 135 10.88 -1.36 -16.56
N ILE A 136 10.51 -0.85 -15.37
CA ILE A 136 9.49 -1.58 -14.62
C ILE A 136 8.16 -1.53 -15.34
N ALA A 137 7.78 -0.37 -15.90
CA ALA A 137 6.52 -0.28 -16.63
C ALA A 137 6.51 -1.24 -17.83
N ALA A 138 7.66 -1.47 -18.47
CA ALA A 138 7.70 -2.38 -19.63
C ALA A 138 7.38 -3.82 -19.26
N VAL A 139 7.46 -4.20 -17.99
CA VAL A 139 7.02 -5.51 -17.56
C VAL A 139 5.53 -5.71 -17.90
N GLY A 140 4.74 -4.63 -17.88
CA GLY A 140 3.31 -4.71 -18.19
C GLY A 140 2.51 -4.68 -16.90
N GLY A 141 1.36 -5.30 -16.91
CA GLY A 141 0.50 -5.29 -15.73
C GLY A 141 -0.20 -3.95 -15.56
N ARG A 142 -0.46 -3.60 -14.31
N ARG A 142 -0.50 -3.66 -14.29
CA ARG A 142 -1.14 -2.35 -14.00
CA ARG A 142 -1.13 -2.40 -13.89
C ARG A 142 -0.22 -1.47 -13.15
C ARG A 142 -0.14 -1.55 -13.11
N PRO A 143 0.80 -0.83 -13.75
CA PRO A 143 1.73 -0.05 -12.92
C PRO A 143 1.06 1.27 -12.51
N TRP A 144 1.18 1.57 -11.21
CA TRP A 144 0.95 2.93 -10.72
C TRP A 144 2.30 3.55 -10.45
N PHE A 145 2.37 4.89 -10.28
CA PHE A 145 3.62 5.54 -9.99
C PHE A 145 3.51 6.40 -8.74
N GLN A 146 4.44 6.21 -7.81
CA GLN A 146 4.42 6.97 -6.55
C GLN A 146 5.38 8.14 -6.70
N LEU A 147 4.88 9.34 -6.38
CA LEU A 147 5.64 10.60 -6.51
C LEU A 147 6.09 11.13 -5.16
N PHE A 148 7.38 11.47 -5.00
CA PHE A 148 7.87 12.37 -3.94
C PHE A 148 8.11 13.70 -4.60
N TRP A 149 7.60 14.77 -3.98
CA TRP A 149 7.78 16.11 -4.53
C TRP A 149 9.25 16.54 -4.51
N LEU A 150 9.71 17.04 -5.66
CA LEU A 150 11.07 17.56 -5.78
C LEU A 150 11.06 19.08 -5.52
N ARG A 151 12.18 19.60 -5.05
CA ARG A 151 12.29 21.04 -4.80
C ARG A 151 11.98 21.88 -6.06
N ASP A 152 12.02 21.29 -7.24
CA ASP A 152 11.71 21.99 -8.49
C ASP A 152 10.37 21.51 -9.03
N GLU A 153 9.37 22.40 -9.05
CA GLU A 153 8.07 22.02 -9.61
C GLU A 153 8.19 21.45 -11.03
N LYS A 154 9.07 22.03 -11.86
CA LYS A 154 9.21 21.53 -13.23
C LYS A 154 9.74 20.11 -13.26
N ARG A 155 10.71 19.79 -12.41
CA ARG A 155 11.21 18.44 -12.36
C ARG A 155 10.16 17.47 -11.82
N SER A 156 9.38 17.89 -10.83
CA SER A 156 8.35 16.98 -10.30
C SER A 156 7.39 16.61 -11.39
N LEU A 157 6.96 17.61 -12.16
CA LEU A 157 6.02 17.37 -13.22
C LEU A 157 6.64 16.54 -14.33
N ASP A 158 7.98 16.59 -14.48
CA ASP A 158 8.62 15.73 -15.49
C ASP A 158 8.56 14.27 -15.09
N LEU A 159 8.74 13.94 -13.81
CA LEU A 159 8.61 12.55 -13.39
C LEU A 159 7.19 12.10 -13.63
N VAL A 160 6.21 12.96 -13.33
CA VAL A 160 4.83 12.59 -13.59
C VAL A 160 4.63 12.31 -15.07
N ARG A 161 5.17 13.19 -15.93
CA ARG A 161 5.04 13.00 -17.38
C ARG A 161 5.71 11.73 -17.85
N ARG A 162 6.91 11.44 -17.36
CA ARG A 162 7.56 10.16 -17.67
C ARG A 162 6.68 8.99 -17.29
N ALA A 163 6.10 9.02 -16.07
CA ALA A 163 5.29 7.90 -15.66
C ALA A 163 4.10 7.73 -16.58
N GLU A 164 3.41 8.84 -16.88
CA GLU A 164 2.27 8.78 -17.77
C GLU A 164 2.66 8.25 -19.17
N ASP A 165 3.77 8.76 -19.73
CA ASP A 165 4.20 8.32 -21.06
C ASP A 165 4.54 6.85 -21.07
N ALA A 166 5.01 6.32 -19.95
CA ALA A 166 5.39 4.89 -19.81
C ALA A 166 4.21 3.96 -19.57
N GLY A 167 3.00 4.50 -19.42
CA GLY A 167 1.82 3.69 -19.23
C GLY A 167 1.36 3.49 -17.80
N CYS A 168 1.90 4.27 -16.85
CA CYS A 168 1.37 4.15 -15.49
C CYS A 168 -0.07 4.67 -15.48
N GLU A 169 -0.88 4.10 -14.61
N GLU A 169 -0.89 4.10 -14.60
CA GLU A 169 -2.32 4.35 -14.64
CA GLU A 169 -2.34 4.32 -14.62
C GLU A 169 -2.80 5.31 -13.57
C GLU A 169 -2.85 5.15 -13.45
N ALA A 170 -1.98 5.58 -12.54
CA ALA A 170 -2.39 6.46 -11.43
C ALA A 170 -1.14 7.06 -10.88
N ILE A 171 -1.25 8.28 -10.31
CA ILE A 171 -0.15 8.93 -9.64
C ILE A 171 -0.44 8.86 -8.15
N VAL A 172 0.38 8.15 -7.40
CA VAL A 172 0.21 8.00 -5.94
C VAL A 172 1.13 9.05 -5.33
N PHE A 173 0.59 10.20 -4.95
CA PHE A 173 1.41 11.30 -4.45
C PHE A 173 1.55 11.11 -2.94
N THR A 174 2.75 10.84 -2.45
CA THR A 174 2.96 10.65 -1.01
C THR A 174 3.00 12.02 -0.36
N VAL A 175 2.07 12.26 0.58
CA VAL A 175 1.85 13.58 1.18
C VAL A 175 2.22 13.62 2.65
N ASP A 176 2.82 12.55 3.20
CA ASP A 176 3.18 12.52 4.62
C ASP A 176 4.66 12.61 4.89
N VAL A 177 5.44 13.02 3.87
CA VAL A 177 6.90 13.07 4.00
C VAL A 177 7.37 14.46 3.63
N PRO A 178 7.10 15.48 4.45
CA PRO A 178 7.84 16.75 4.24
C PRO A 178 9.32 16.56 4.39
N TRP A 179 9.73 15.64 5.27
CA TRP A 179 11.05 15.04 5.30
C TRP A 179 10.90 13.65 5.89
N MET A 180 11.96 12.85 5.86
CA MET A 180 11.91 11.50 6.43
C MET A 180 11.90 11.50 7.95
N GLY A 181 11.12 10.58 8.53
CA GLY A 181 11.14 10.34 9.96
C GLY A 181 12.48 9.82 10.48
N ARG A 182 12.59 9.78 11.80
N ARG A 182 12.67 9.96 11.77
CA ARG A 182 13.81 9.40 12.51
CA ARG A 182 13.91 9.57 12.44
C ARG A 182 13.82 7.88 12.74
C ARG A 182 13.83 8.08 12.74
N ARG A 183 14.54 7.15 11.89
N ARG A 183 14.53 7.26 11.96
CA ARG A 183 14.63 5.69 11.99
CA ARG A 183 14.47 5.81 12.14
C ARG A 183 15.77 5.33 12.93
C ARG A 183 15.69 5.34 12.92
N LEU A 184 15.46 5.08 14.21
CA LEU A 184 16.54 4.88 15.18
C LEU A 184 17.30 3.57 14.90
N ARG A 185 16.65 2.53 14.36
CA ARG A 185 17.43 1.33 14.02
C ARG A 185 18.51 1.67 13.01
N ASP A 186 18.16 2.47 12.01
CA ASP A 186 19.14 2.83 10.97
C ASP A 186 20.26 3.66 11.58
N MET A 187 19.90 4.64 12.44
CA MET A 187 20.92 5.47 13.08
C MET A 187 21.88 4.60 13.90
N ARG A 188 21.33 3.71 14.71
CA ARG A 188 22.16 2.84 15.53
C ARG A 188 23.02 1.92 14.68
N ASN A 189 22.48 1.43 13.56
CA ASN A 189 23.25 0.54 12.69
C ASN A 189 24.22 1.31 11.81
N GLY A 190 24.14 2.64 11.76
CA GLY A 190 24.85 3.40 10.75
C GLY A 190 24.53 2.95 9.34
N PHE A 191 23.25 2.76 9.04
CA PHE A 191 22.85 2.17 7.78
C PHE A 191 22.98 3.17 6.64
N ALA A 192 23.52 2.72 5.51
CA ALA A 192 23.59 3.52 4.30
C ALA A 192 23.38 2.61 3.11
N LEU A 193 22.93 3.21 2.00
CA LEU A 193 22.70 2.43 0.78
C LEU A 193 24.02 1.87 0.29
N PRO A 194 24.11 0.59 0.05
CA PRO A 194 25.28 0.03 -0.64
C PRO A 194 25.55 0.75 -1.95
N GLU A 195 26.81 0.75 -2.39
CA GLU A 195 27.12 1.40 -3.65
C GLU A 195 26.41 0.76 -4.83
N TRP A 196 26.04 -0.53 -4.74
CA TRP A 196 25.38 -1.22 -5.84
C TRP A 196 23.88 -0.94 -5.94
N VAL A 197 23.32 -0.09 -5.10
CA VAL A 197 21.92 0.31 -5.19
C VAL A 197 21.90 1.81 -5.44
N THR A 198 21.19 2.23 -6.48
CA THR A 198 21.04 3.66 -6.74
C THR A 198 19.57 3.99 -7.02
N ALA A 199 19.27 5.29 -6.99
CA ALA A 199 17.97 5.85 -7.39
C ALA A 199 17.99 5.97 -8.90
N ALA A 200 17.50 4.91 -9.55
CA ALA A 200 17.64 4.74 -10.99
C ALA A 200 16.84 5.72 -11.84
N ASN A 201 15.86 6.45 -11.25
CA ASN A 201 15.13 7.45 -12.00
C ASN A 201 15.90 8.76 -12.15
N PHE A 202 17.05 8.88 -11.50
CA PHE A 202 17.79 10.19 -11.48
C PHE A 202 19.16 10.06 -12.14
N GLU A 225 16.82 16.12 -5.06
CA GLU A 225 16.61 17.18 -4.07
C GLU A 225 15.12 17.44 -3.79
N PHE A 226 14.64 16.99 -2.64
CA PHE A 226 13.21 16.95 -2.37
C PHE A 226 12.80 18.11 -1.46
N ALA A 227 11.50 18.40 -1.46
CA ALA A 227 10.96 19.53 -0.72
C ALA A 227 9.57 19.16 -0.25
N PRO A 228 9.07 19.80 0.81
CA PRO A 228 7.72 19.48 1.31
C PRO A 228 6.63 19.82 0.29
N ALA A 229 5.72 18.88 0.08
CA ALA A 229 4.56 19.14 -0.77
C ALA A 229 3.49 19.92 0.01
N THR A 230 2.71 20.72 -0.73
CA THR A 230 1.55 21.44 -0.18
C THR A 230 0.35 21.20 -1.10
N TRP A 231 -0.82 21.71 -0.68
CA TRP A 231 -1.99 21.67 -1.54
C TRP A 231 -1.76 22.31 -2.92
N GLU A 232 -0.88 23.31 -2.98
CA GLU A 232 -0.52 23.87 -4.28
CA GLU A 232 -0.49 23.89 -4.27
C GLU A 232 0.19 22.85 -5.16
N SER A 233 1.04 22.00 -4.58
CA SER A 233 1.73 20.96 -5.36
C SER A 233 0.73 19.94 -5.88
N VAL A 234 -0.28 19.59 -5.07
CA VAL A 234 -1.34 18.69 -5.53
C VAL A 234 -2.05 19.27 -6.74
N GLU A 235 -2.40 20.57 -6.68
CA GLU A 235 -3.07 21.18 -7.82
C GLU A 235 -2.19 21.19 -9.06
N ALA A 236 -0.88 21.41 -8.89
CA ALA A 236 0.01 21.42 -10.05
C ALA A 236 0.04 20.05 -10.70
N VAL A 237 0.07 18.99 -9.88
CA VAL A 237 0.04 17.64 -10.45
C VAL A 237 -1.29 17.39 -11.14
N ARG A 238 -2.40 17.71 -10.47
CA ARG A 238 -3.73 17.47 -11.02
C ARG A 238 -3.93 18.17 -12.35
N ALA A 239 -3.38 19.37 -12.49
CA ALA A 239 -3.54 20.14 -13.73
CA ALA A 239 -3.54 20.14 -13.73
C ALA A 239 -2.68 19.61 -14.86
N HIS A 240 -1.67 18.79 -14.55
CA HIS A 240 -0.63 18.32 -15.48
CA HIS A 240 -0.74 18.37 -15.59
C HIS A 240 -0.85 16.91 -15.99
N THR A 241 -1.88 16.21 -15.49
CA THR A 241 -2.07 14.82 -15.90
C THR A 241 -3.55 14.55 -16.00
N ASP A 242 -3.90 13.62 -16.90
CA ASP A 242 -5.25 13.10 -16.90
C ASP A 242 -5.42 11.86 -16.01
N LEU A 243 -4.32 11.35 -15.43
CA LEU A 243 -4.42 10.16 -14.60
C LEU A 243 -5.03 10.51 -13.25
N PRO A 244 -5.66 9.55 -12.60
CA PRO A 244 -6.15 9.81 -11.24
C PRO A 244 -5.00 10.06 -10.29
N VAL A 245 -5.13 11.09 -9.45
CA VAL A 245 -4.14 11.41 -8.44
C VAL A 245 -4.65 10.90 -7.09
N VAL A 246 -3.81 10.13 -6.43
CA VAL A 246 -4.18 9.45 -5.18
C VAL A 246 -3.27 9.96 -4.11
N LEU A 247 -3.84 10.56 -3.03
CA LEU A 247 -2.99 11.17 -2.00
C LEU A 247 -2.73 10.11 -0.92
N LYS A 248 -1.46 9.73 -0.72
CA LYS A 248 -1.11 8.67 0.20
C LYS A 248 -0.56 9.27 1.50
N GLY A 249 -1.15 8.91 2.63
CA GLY A 249 -0.73 9.43 3.93
C GLY A 249 -1.73 10.33 4.58
N ILE A 250 -2.99 10.24 4.25
CA ILE A 250 -4.04 11.07 4.86
C ILE A 250 -4.52 10.37 6.11
N LEU A 251 -4.60 11.11 7.23
CA LEU A 251 -5.21 10.56 8.44
C LEU A 251 -6.34 11.44 9.00
N ALA A 252 -6.30 12.76 8.81
CA ALA A 252 -7.35 13.61 9.38
C ALA A 252 -8.58 13.64 8.47
N VAL A 253 -9.78 13.59 9.08
CA VAL A 253 -11.02 13.62 8.30
C VAL A 253 -11.08 14.86 7.42
N GLU A 254 -10.68 16.04 7.93
N GLU A 254 -10.64 16.01 7.96
CA GLU A 254 -10.80 17.20 7.03
CA GLU A 254 -10.70 17.25 7.19
C GLU A 254 -9.80 17.16 5.88
C GLU A 254 -9.74 17.26 6.00
N ASP A 255 -8.65 16.50 6.08
CA ASP A 255 -7.74 16.35 4.93
C ASP A 255 -8.33 15.39 3.88
N ALA A 256 -9.07 14.37 4.31
CA ALA A 256 -9.74 13.52 3.33
C ALA A 256 -10.79 14.32 2.56
N ARG A 257 -11.57 15.15 3.29
CA ARG A 257 -12.56 15.95 2.59
C ARG A 257 -11.89 16.91 1.63
N ARG A 258 -10.80 17.59 2.08
CA ARG A 258 -10.13 18.50 1.18
C ARG A 258 -9.53 17.78 -0.02
N ALA A 259 -9.08 16.53 0.18
CA ALA A 259 -8.56 15.78 -0.97
C ALA A 259 -9.62 15.61 -2.04
N VAL A 260 -10.87 15.30 -1.64
CA VAL A 260 -11.92 15.18 -2.64
C VAL A 260 -12.16 16.52 -3.32
N ASP A 261 -12.24 17.59 -2.49
CA ASP A 261 -12.46 18.94 -3.04
C ASP A 261 -11.37 19.33 -4.02
N ALA A 262 -10.12 18.88 -3.77
CA ALA A 262 -8.94 19.15 -4.59
C ALA A 262 -8.90 18.32 -5.88
N GLY A 263 -9.84 17.40 -6.10
CA GLY A 263 -9.86 16.64 -7.32
C GLY A 263 -9.12 15.33 -7.26
N ALA A 264 -8.73 14.89 -6.07
CA ALA A 264 -8.13 13.55 -5.96
C ALA A 264 -9.10 12.47 -6.37
N GLY A 265 -8.56 11.46 -7.09
CA GLY A 265 -9.35 10.27 -7.40
C GLY A 265 -9.34 9.23 -6.30
N GLY A 266 -8.39 9.35 -5.35
CA GLY A 266 -8.35 8.43 -4.24
C GLY A 266 -7.45 8.98 -3.15
N ILE A 267 -7.51 8.32 -2.00
CA ILE A 267 -6.58 8.61 -0.90
C ILE A 267 -6.16 7.27 -0.32
N VAL A 268 -4.97 7.24 0.30
CA VAL A 268 -4.55 6.07 1.09
C VAL A 268 -4.47 6.57 2.54
N VAL A 269 -5.32 6.01 3.37
CA VAL A 269 -5.36 6.29 4.79
C VAL A 269 -4.23 5.50 5.46
N SER A 270 -3.23 6.18 6.00
CA SER A 270 -1.94 5.53 6.24
C SER A 270 -1.10 6.39 7.18
N ASN A 271 -0.35 5.74 8.09
CA ASN A 271 0.68 6.42 8.86
C ASN A 271 2.07 6.01 8.33
N HIS A 272 2.14 5.58 7.08
CA HIS A 272 3.43 5.28 6.44
C HIS A 272 4.12 4.12 7.13
N GLY A 273 3.34 3.11 7.54
CA GLY A 273 3.94 1.95 8.18
C GLY A 273 4.65 2.26 9.47
N GLY A 274 4.24 3.34 10.14
CA GLY A 274 4.89 3.72 11.39
C GLY A 274 6.27 4.31 11.22
N ARG A 275 6.62 4.74 10.01
CA ARG A 275 7.97 5.24 9.69
C ARG A 275 8.09 6.74 9.67
N GLN A 276 6.97 7.47 9.84
CA GLN A 276 6.98 8.94 9.76
C GLN A 276 6.77 9.51 11.15
N LEU A 277 5.58 10.06 11.47
CA LEU A 277 5.41 10.57 12.85
C LEU A 277 5.20 9.42 13.80
N ASP A 278 6.08 9.27 14.80
CA ASP A 278 5.89 8.26 15.82
C ASP A 278 4.81 8.77 16.78
N GLY A 279 3.73 8.02 16.94
CA GLY A 279 2.57 8.52 17.66
C GLY A 279 1.44 8.90 16.74
N ALA A 280 1.62 8.86 15.41
CA ALA A 280 0.50 9.02 14.51
C ALA A 280 -0.47 7.85 14.64
N VAL A 281 -1.76 8.18 14.68
N VAL A 281 -1.76 8.17 14.68
CA VAL A 281 -2.82 7.17 14.75
CA VAL A 281 -2.83 7.17 14.71
C VAL A 281 -2.72 6.18 13.58
C VAL A 281 -2.63 6.15 13.59
N PRO A 282 -3.02 4.90 13.78
CA PRO A 282 -3.10 3.98 12.64
C PRO A 282 -4.21 4.36 11.69
N GLY A 283 -3.92 4.20 10.39
CA GLY A 283 -4.95 4.45 9.39
C GLY A 283 -6.23 3.66 9.63
N ILE A 284 -6.11 2.38 10.02
CA ILE A 284 -7.30 1.56 10.24
CA ILE A 284 -7.28 1.54 10.27
C ILE A 284 -8.23 2.17 11.30
N GLU A 285 -7.70 2.99 12.23
CA GLU A 285 -8.56 3.59 13.26
C GLU A 285 -9.28 4.83 12.73
N MET A 286 -8.81 5.44 11.66
CA MET A 286 -9.49 6.58 11.04
C MET A 286 -10.35 6.23 9.86
N LEU A 287 -10.21 5.00 9.34
CA LEU A 287 -10.80 4.64 8.06
C LEU A 287 -12.32 4.80 8.05
N GLY A 288 -13.02 4.28 9.08
CA GLY A 288 -14.47 4.34 9.03
C GLY A 288 -14.97 5.80 9.01
N GLU A 289 -14.39 6.64 9.86
N GLU A 289 -14.37 6.64 9.83
CA GLU A 289 -14.78 8.06 9.87
CA GLU A 289 -14.80 8.03 9.86
C GLU A 289 -14.52 8.70 8.52
C GLU A 289 -14.48 8.76 8.55
N ILE A 290 -13.36 8.41 7.92
CA ILE A 290 -13.03 9.02 6.65
C ILE A 290 -13.95 8.53 5.53
N VAL A 291 -14.26 7.23 5.51
CA VAL A 291 -15.17 6.72 4.49
C VAL A 291 -16.53 7.42 4.58
N ALA A 292 -17.01 7.62 5.82
CA ALA A 292 -18.28 8.33 5.97
C ALA A 292 -18.18 9.78 5.48
N ALA A 293 -17.07 10.46 5.76
CA ALA A 293 -16.97 11.87 5.39
C ALA A 293 -16.81 12.09 3.88
N VAL A 294 -16.18 11.15 3.15
N VAL A 294 -16.20 11.11 3.20
CA VAL A 294 -16.02 11.41 1.72
CA VAL A 294 -15.90 11.17 1.77
C VAL A 294 -17.25 11.01 0.93
C VAL A 294 -17.17 10.91 0.93
N SER A 295 -18.12 10.17 1.51
CA SER A 295 -19.43 9.92 0.90
CA SER A 295 -19.42 9.81 0.93
C SER A 295 -19.32 9.48 -0.56
N GLY A 296 -18.41 8.55 -0.85
CA GLY A 296 -18.24 8.09 -2.23
C GLY A 296 -17.52 9.03 -3.18
N GLY A 297 -16.97 10.16 -2.72
CA GLY A 297 -16.35 11.11 -3.62
C GLY A 297 -14.99 10.72 -4.17
N CYS A 298 -14.32 9.74 -3.56
CA CYS A 298 -13.08 9.18 -4.11
C CYS A 298 -12.91 7.76 -3.56
N GLU A 299 -11.95 7.02 -4.14
CA GLU A 299 -11.65 5.70 -3.58
C GLU A 299 -10.88 5.91 -2.28
N VAL A 300 -11.12 5.06 -1.29
CA VAL A 300 -10.45 5.20 0.00
C VAL A 300 -9.71 3.89 0.25
N LEU A 301 -8.39 3.92 0.12
CA LEU A 301 -7.54 2.76 0.43
C LEU A 301 -6.98 2.90 1.83
N VAL A 302 -6.41 1.82 2.36
CA VAL A 302 -5.77 1.84 3.67
C VAL A 302 -4.53 0.99 3.58
N ASP A 303 -3.55 1.31 4.40
CA ASP A 303 -2.40 0.42 4.58
C ASP A 303 -1.91 0.43 6.01
N GLY A 304 -0.96 -0.43 6.26
CA GLY A 304 -0.34 -0.54 7.58
C GLY A 304 -0.69 -1.83 8.28
N GLY A 305 0.21 -2.83 8.21
CA GLY A 305 0.00 -4.04 9.00
C GLY A 305 -0.90 -5.09 8.39
N ILE A 306 -1.32 -4.96 7.14
CA ILE A 306 -2.11 -6.02 6.53
C ILE A 306 -1.23 -7.27 6.36
N ARG A 307 -1.60 -8.38 7.04
CA ARG A 307 -0.74 -9.59 7.11
C ARG A 307 -1.52 -10.85 6.75
N SER A 308 -2.75 -10.74 6.27
CA SER A 308 -3.54 -11.92 5.92
C SER A 308 -4.75 -11.51 5.11
N GLY A 309 -5.39 -12.51 4.48
CA GLY A 309 -6.68 -12.26 3.87
C GLY A 309 -7.74 -11.82 4.87
N GLY A 310 -7.70 -12.33 6.09
CA GLY A 310 -8.63 -11.85 7.09
C GLY A 310 -8.44 -10.38 7.40
N ASP A 311 -7.19 -9.90 7.37
CA ASP A 311 -6.96 -8.46 7.57
C ASP A 311 -7.52 -7.67 6.42
N VAL A 312 -7.40 -8.18 5.18
CA VAL A 312 -8.05 -7.52 4.03
C VAL A 312 -9.56 -7.44 4.25
N LEU A 313 -10.16 -8.53 4.75
CA LEU A 313 -11.59 -8.49 5.01
C LEU A 313 -11.93 -7.44 6.04
N LYS A 314 -11.15 -7.36 7.12
CA LYS A 314 -11.41 -6.32 8.14
C LYS A 314 -11.38 -4.94 7.52
N ALA A 315 -10.35 -4.65 6.72
CA ALA A 315 -10.25 -3.32 6.10
C ALA A 315 -11.43 -3.05 5.22
N THR A 316 -11.86 -4.04 4.41
CA THR A 316 -13.01 -3.88 3.54
CA THR A 316 -13.01 -3.79 3.54
C THR A 316 -14.26 -3.61 4.37
N ALA A 317 -14.45 -4.40 5.46
CA ALA A 317 -15.64 -4.24 6.30
C ALA A 317 -15.69 -2.85 6.96
N LEU A 318 -14.51 -2.26 7.22
CA LEU A 318 -14.45 -0.87 7.74
C LEU A 318 -14.64 0.15 6.62
N GLY A 319 -14.69 -0.25 5.36
CA GLY A 319 -15.09 0.61 4.28
C GLY A 319 -14.03 0.83 3.21
N ALA A 320 -12.86 0.23 3.33
CA ALA A 320 -11.83 0.45 2.33
C ALA A 320 -12.24 -0.09 0.96
N SER A 321 -11.82 0.63 -0.09
CA SER A 321 -11.96 0.14 -1.47
C SER A 321 -10.91 -0.94 -1.77
N ALA A 322 -9.73 -0.83 -1.16
CA ALA A 322 -8.63 -1.76 -1.35
C ALA A 322 -7.57 -1.44 -0.33
N VAL A 323 -6.59 -2.32 -0.20
CA VAL A 323 -5.48 -2.16 0.71
C VAL A 323 -4.20 -2.05 -0.07
N LEU A 324 -3.18 -1.50 0.57
CA LEU A 324 -1.79 -1.71 0.11
C LEU A 324 -1.06 -2.64 1.07
N VAL A 325 -0.12 -3.43 0.54
CA VAL A 325 0.70 -4.34 1.33
C VAL A 325 2.17 -4.03 1.02
N GLY A 326 2.99 -3.75 2.07
CA GLY A 326 4.37 -3.34 1.90
C GLY A 326 5.33 -4.41 2.36
N ARG A 327 5.65 -4.43 3.64
CA ARG A 327 6.70 -5.33 4.14
C ARG A 327 6.55 -6.78 3.71
N PRO A 328 5.36 -7.40 3.72
CA PRO A 328 5.30 -8.82 3.35
C PRO A 328 5.75 -9.08 1.96
N VAL A 329 5.53 -8.15 1.04
CA VAL A 329 5.98 -8.37 -0.35
C VAL A 329 7.49 -8.40 -0.39
N MET A 330 8.16 -7.57 0.40
CA MET A 330 9.61 -7.59 0.45
C MET A 330 10.14 -8.83 1.14
N TRP A 331 9.42 -9.35 2.14
CA TRP A 331 9.83 -10.63 2.75
C TRP A 331 9.86 -11.72 1.69
N ALA A 332 8.82 -11.77 0.86
CA ALA A 332 8.70 -12.81 -0.18
C ALA A 332 9.82 -12.61 -1.20
N LEU A 333 10.07 -11.36 -1.62
CA LEU A 333 11.16 -11.05 -2.55
C LEU A 333 12.51 -11.49 -1.99
N ALA A 334 12.78 -11.16 -0.75
CA ALA A 334 14.06 -11.56 -0.15
C ALA A 334 14.18 -13.07 -0.07
N ALA A 335 13.09 -13.77 0.27
CA ALA A 335 13.16 -15.20 0.53
C ALA A 335 13.35 -15.99 -0.75
N ALA A 336 12.70 -15.56 -1.84
CA ALA A 336 12.62 -16.41 -3.04
C ALA A 336 12.41 -15.65 -4.34
N GLY A 337 12.72 -14.37 -4.41
CA GLY A 337 12.65 -13.63 -5.64
C GLY A 337 11.26 -13.57 -6.23
N GLN A 338 11.18 -13.55 -7.56
CA GLN A 338 9.90 -13.51 -8.24
C GLN A 338 8.96 -14.63 -7.79
N ASP A 339 9.46 -15.86 -7.72
CA ASP A 339 8.62 -16.98 -7.32
CA ASP A 339 8.61 -16.97 -7.34
C ASP A 339 8.10 -16.79 -5.90
N GLY A 340 8.91 -16.21 -5.02
CA GLY A 340 8.45 -15.94 -3.66
C GLY A 340 7.30 -14.96 -3.65
N VAL A 341 7.43 -13.88 -4.42
CA VAL A 341 6.30 -12.93 -4.50
C VAL A 341 5.07 -13.60 -5.10
N ARG A 342 5.23 -14.39 -6.17
CA ARG A 342 4.11 -15.15 -6.70
C ARG A 342 3.43 -15.99 -5.63
N GLN A 343 4.21 -16.72 -4.84
CA GLN A 343 3.60 -17.59 -3.82
C GLN A 343 2.87 -16.75 -2.77
N LEU A 344 3.46 -15.62 -2.39
CA LEU A 344 2.77 -14.74 -1.41
C LEU A 344 1.44 -14.28 -1.98
N LEU A 345 1.41 -13.83 -3.23
CA LEU A 345 0.17 -13.33 -3.79
C LEU A 345 -0.87 -14.43 -3.98
N GLU A 346 -0.43 -15.65 -4.31
CA GLU A 346 -1.35 -16.78 -4.38
C GLU A 346 -1.93 -17.10 -2.99
N LEU A 347 -1.09 -17.06 -1.95
CA LEU A 347 -1.57 -17.30 -0.58
C LEU A 347 -2.56 -16.22 -0.17
N LEU A 348 -2.24 -14.97 -0.45
CA LEU A 348 -3.20 -13.90 -0.09
CA LEU A 348 -3.17 -13.89 -0.10
C LEU A 348 -4.48 -14.02 -0.87
N ALA A 349 -4.43 -14.39 -2.16
CA ALA A 349 -5.67 -14.57 -2.90
C ALA A 349 -6.52 -15.67 -2.30
N GLU A 350 -5.89 -16.80 -1.93
CA GLU A 350 -6.68 -17.86 -1.32
C GLU A 350 -7.26 -17.39 0.03
N GLU A 351 -6.47 -16.68 0.83
CA GLU A 351 -6.98 -16.26 2.14
C GLU A 351 -8.11 -15.23 2.00
N VAL A 352 -8.03 -14.33 1.01
CA VAL A 352 -9.12 -13.36 0.82
C VAL A 352 -10.40 -14.06 0.38
N ARG A 353 -10.29 -15.01 -0.57
N ARG A 353 -10.28 -15.02 -0.57
CA ARG A 353 -11.48 -15.73 -1.01
CA ARG A 353 -11.45 -15.75 -1.02
C ARG A 353 -12.08 -16.54 0.13
C ARG A 353 -12.07 -16.54 0.13
N ASP A 354 -11.22 -17.21 0.90
CA ASP A 354 -11.68 -17.98 2.08
C ASP A 354 -12.41 -17.09 3.08
N ALA A 355 -11.81 -15.95 3.45
CA ALA A 355 -12.45 -15.08 4.43
C ALA A 355 -13.76 -14.51 3.92
N MET A 356 -13.81 -14.08 2.66
CA MET A 356 -15.03 -13.53 2.10
C MET A 356 -16.13 -14.54 2.12
N GLY A 357 -15.85 -15.78 1.70
CA GLY A 357 -16.91 -16.79 1.65
C GLY A 357 -17.39 -17.19 3.02
N LEU A 358 -16.45 -17.37 3.97
CA LEU A 358 -16.85 -17.70 5.32
C LEU A 358 -17.68 -16.59 5.93
N ALA A 359 -17.45 -15.33 5.49
CA ALA A 359 -18.27 -14.21 5.98
C ALA A 359 -19.55 -13.95 5.16
N GLY A 360 -19.88 -14.82 4.20
CA GLY A 360 -21.10 -14.70 3.41
C GLY A 360 -21.05 -13.65 2.34
N CYS A 361 -19.87 -13.38 1.78
CA CYS A 361 -19.74 -12.28 0.81
C CYS A 361 -19.32 -12.84 -0.54
N GLU A 362 -20.18 -12.66 -1.55
N GLU A 362 -20.19 -12.69 -1.53
CA GLU A 362 -19.87 -13.13 -2.91
CA GLU A 362 -19.84 -13.16 -2.85
C GLU A 362 -19.13 -12.08 -3.71
C GLU A 362 -18.94 -12.17 -3.57
N SER A 363 -18.93 -10.91 -3.15
CA SER A 363 -18.22 -9.84 -3.81
C SER A 363 -17.60 -8.91 -2.78
N VAL A 364 -16.61 -8.13 -3.19
CA VAL A 364 -16.00 -7.14 -2.31
C VAL A 364 -17.03 -6.10 -1.84
N GLY A 365 -17.95 -5.69 -2.72
CA GLY A 365 -18.99 -4.75 -2.28
C GLY A 365 -19.80 -5.29 -1.11
N ALA A 366 -20.11 -6.61 -1.13
CA ALA A 366 -20.81 -7.20 0.01
C ALA A 366 -19.95 -7.17 1.26
N ALA A 367 -18.64 -7.42 1.13
CA ALA A 367 -17.76 -7.33 2.28
C ALA A 367 -17.74 -5.92 2.90
N ARG A 368 -17.87 -4.87 2.06
CA ARG A 368 -17.90 -3.52 2.61
C ARG A 368 -19.16 -3.26 3.42
N ARG A 369 -20.23 -4.04 3.25
CA ARG A 369 -21.45 -3.90 4.04
C ARG A 369 -21.44 -4.76 5.30
N LEU A 370 -20.39 -5.55 5.54
CA LEU A 370 -20.28 -6.24 6.82
C LEU A 370 -20.15 -5.27 7.97
N ASN A 371 -20.71 -5.67 9.11
CA ASN A 371 -20.44 -4.94 10.35
C ASN A 371 -19.29 -5.56 11.15
N THR A 372 -18.74 -4.77 12.06
CA THR A 372 -17.60 -5.12 12.90
C THR A 372 -17.90 -4.80 14.35
N LYS A 373 -17.10 -5.36 15.24
N LYS A 373 -17.14 -5.45 15.23
CA LYS A 373 -17.20 -5.08 16.67
CA LYS A 373 -17.09 -5.16 16.66
C LYS A 373 -15.79 -5.09 17.25
C LYS A 373 -15.64 -4.89 17.04
N LEU A 374 -15.44 -4.03 18.01
CA LEU A 374 -14.12 -3.96 18.61
C LEU A 374 -14.03 -4.83 19.85
N GLY A 375 -12.91 -5.52 20.00
CA GLY A 375 -12.68 -6.37 21.14
C GLY A 375 -11.55 -5.86 22.00
N VAL A 376 -11.08 -6.72 22.90
CA VAL A 376 -9.88 -6.46 23.69
C VAL A 376 -8.79 -7.43 23.25
N VAL A 377 -7.55 -6.93 23.20
CA VAL A 377 -6.35 -7.64 22.74
C VAL A 377 -6.48 -8.48 21.45
#